data_5SBP
#
_entry.id   5SBP
#
_cell.length_a   30.776
_cell.length_b   81.469
_cell.length_c   31.991
_cell.angle_alpha   90.000
_cell.angle_beta   117.890
_cell.angle_gamma   90.000
#
_symmetry.space_group_name_H-M   'P 1 21 1'
#
loop_
_entity.id
_entity.type
_entity.pdbx_description
1 polymer 'CD44 antigen'
2 non-polymer '2-acetamido-6-fluorobenzoic acid'
3 non-polymer 'DIMETHYL SULFOXIDE'
4 non-polymer 1,2-ETHANEDIOL
5 water water
#
_entity_poly.entity_id   1
_entity_poly.type   'polypeptide(L)'
_entity_poly.pdbx_seq_one_letter_code
;MNQIDLNVTCRYAGVFHVEKNGRYSISRTEAADLCQAFNSTLPTMDQMKLALSKGFETCRYGFIEGNVVIPRIHPNAICA
ANHTGVYILVTSNTSHYDTYCFNASAPPEEDCTSVTDLPNSFDGPVTITIVNRDGTRYSKKGEYRTHQEDID
;
_entity_poly.pdbx_strand_id   A
#
loop_
_chem_comp.id
_chem_comp.type
_chem_comp.name
_chem_comp.formula
8BC non-polymer '2-acetamido-6-fluorobenzoic acid' 'C9 H8 F N O3'
DMS non-polymer 'DIMETHYL SULFOXIDE' 'C2 H6 O S'
EDO non-polymer 1,2-ETHANEDIOL 'C2 H6 O2'
#
# COMPACT_ATOMS: atom_id res chain seq x y z
N ASN A 2 -9.95 17.79 7.48
CA ASN A 2 -10.28 16.58 6.73
C ASN A 2 -9.06 16.17 5.93
N GLN A 3 -8.15 15.42 6.57
CA GLN A 3 -6.88 15.07 5.97
C GLN A 3 -6.58 13.59 6.06
N ILE A 4 -5.95 13.04 5.01
CA ILE A 4 -5.51 11.65 5.01
C ILE A 4 -4.04 11.64 4.57
N ASP A 5 -3.17 11.01 5.34
N ASP A 5 -3.17 10.99 5.34
CA ASP A 5 -1.76 10.82 5.02
CA ASP A 5 -1.76 10.83 4.98
C ASP A 5 -1.64 9.41 4.44
C ASP A 5 -1.57 9.41 4.47
N LEU A 6 -0.93 9.27 3.32
CA LEU A 6 -0.71 7.96 2.73
C LEU A 6 0.77 7.79 2.57
N ASN A 7 1.41 7.00 3.42
CA ASN A 7 2.84 6.75 3.32
C ASN A 7 3.06 5.65 2.31
N VAL A 8 3.87 5.93 1.30
CA VAL A 8 4.12 4.96 0.23
C VAL A 8 5.59 4.57 0.16
N THR A 9 5.85 3.44 -0.49
CA THR A 9 7.20 2.95 -0.62
C THR A 9 7.64 2.99 -2.09
N CYS A 10 8.89 2.56 -2.33
CA CYS A 10 9.42 2.10 -3.61
C CYS A 10 8.42 1.13 -4.20
N ARG A 11 8.45 0.98 -5.48
CA ARG A 11 7.71 -0.05 -6.18
C ARG A 11 8.71 -1.12 -6.61
N TYR A 12 8.32 -2.37 -6.46
CA TYR A 12 9.13 -3.50 -6.87
C TYR A 12 8.31 -4.31 -7.82
N ALA A 13 8.67 -4.31 -9.10
CA ALA A 13 7.86 -4.97 -10.12
C ALA A 13 6.39 -4.48 -10.06
N GLY A 14 6.23 -3.18 -9.77
CA GLY A 14 4.93 -2.52 -9.68
C GLY A 14 4.22 -2.58 -8.35
N VAL A 15 4.76 -3.33 -7.41
CA VAL A 15 4.08 -3.50 -6.12
C VAL A 15 4.65 -2.53 -5.11
N PHE A 16 3.76 -1.90 -4.34
CA PHE A 16 4.16 -0.98 -3.28
C PHE A 16 3.26 -1.09 -2.11
N HIS A 17 3.73 -0.53 -1.00
CA HIS A 17 3.00 -0.55 0.26
C HIS A 17 2.43 0.82 0.56
N VAL A 18 1.22 0.87 1.09
CA VAL A 18 0.56 2.10 1.46
C VAL A 18 0.05 1.97 2.86
N GLU A 19 0.47 2.89 3.74
CA GLU A 19 0.03 2.94 5.12
C GLU A 19 -0.74 4.21 5.29
N LYS A 20 -1.95 4.11 5.82
CA LYS A 20 -2.80 5.28 6.00
CA LYS A 20 -2.80 5.29 5.99
C LYS A 20 -2.75 5.83 7.40
N ASN A 21 -2.47 7.10 7.53
CA ASN A 21 -2.47 7.80 8.82
C ASN A 21 -1.62 7.16 9.90
N GLY A 22 -0.51 6.57 9.51
CA GLY A 22 0.47 6.01 10.44
C GLY A 22 -0.01 4.92 11.37
N ARG A 23 -1.08 4.24 10.97
CA ARG A 23 -1.58 3.11 11.73
CA ARG A 23 -1.74 3.20 11.75
C ARG A 23 -2.37 2.16 10.84
N TYR A 24 -2.58 0.91 11.32
CA TYR A 24 -3.34 -0.09 10.55
C TYR A 24 -4.76 0.44 10.55
N SER A 25 -5.24 0.90 9.39
CA SER A 25 -6.52 1.61 9.37
C SER A 25 -7.33 1.47 8.12
N ILE A 26 -6.96 0.50 7.28
CA ILE A 26 -7.63 0.34 6.00
C ILE A 26 -8.42 -0.96 5.98
N SER A 27 -9.67 -0.88 5.53
CA SER A 27 -10.49 -2.09 5.36
C SER A 27 -10.20 -2.70 3.99
N ARG A 28 -10.62 -3.95 3.74
CA ARG A 28 -10.40 -4.54 2.41
C ARG A 28 -11.10 -3.73 1.32
N THR A 29 -12.32 -3.22 1.57
CA THR A 29 -13.00 -2.40 0.55
C THR A 29 -12.27 -1.11 0.29
N GLU A 30 -11.78 -0.47 1.34
CA GLU A 30 -11.05 0.77 1.20
CA GLU A 30 -11.05 0.77 1.20
C GLU A 30 -9.74 0.55 0.45
N ALA A 31 -9.10 -0.58 0.70
CA ALA A 31 -7.83 -0.91 0.07
C ALA A 31 -7.97 -0.99 -1.44
N ALA A 32 -9.02 -1.64 -1.94
CA ALA A 32 -9.22 -1.73 -3.40
C ALA A 32 -9.45 -0.32 -4.00
N ASP A 33 -10.21 0.52 -3.26
CA ASP A 33 -10.49 1.88 -3.70
C ASP A 33 -9.24 2.73 -3.69
N LEU A 34 -8.42 2.54 -2.66
CA LEU A 34 -7.19 3.28 -2.53
CA LEU A 34 -7.17 3.27 -2.50
C LEU A 34 -6.23 2.92 -3.66
N CYS A 35 -6.07 1.61 -3.94
CA CYS A 35 -5.20 1.21 -5.06
C CYS A 35 -5.74 1.75 -6.37
N GLN A 36 -7.05 1.78 -6.54
CA GLN A 36 -7.67 2.32 -7.77
C GLN A 36 -7.31 3.77 -7.96
N ALA A 37 -7.18 4.55 -6.86
CA ALA A 37 -6.75 5.94 -6.97
C ALA A 37 -5.31 6.11 -7.47
N PHE A 38 -4.48 5.07 -7.30
CA PHE A 38 -3.12 5.09 -7.81
C PHE A 38 -3.08 4.33 -9.16
N ASN A 39 -4.24 4.20 -9.87
CA ASN A 39 -4.36 3.42 -11.13
C ASN A 39 -3.75 2.01 -10.93
N SER A 40 -4.04 1.44 -9.76
CA SER A 40 -3.45 0.19 -9.32
C SER A 40 -4.52 -0.73 -8.79
N THR A 41 -4.13 -1.96 -8.56
CA THR A 41 -5.03 -2.96 -8.04
C THR A 41 -4.34 -3.64 -6.87
N LEU A 42 -5.11 -4.42 -6.10
CA LEU A 42 -4.47 -5.22 -5.04
CA LEU A 42 -4.51 -5.25 -5.04
C LEU A 42 -3.63 -6.27 -5.74
N PRO A 43 -2.38 -6.44 -5.34
CA PRO A 43 -1.53 -7.43 -6.02
C PRO A 43 -2.05 -8.83 -5.89
N THR A 44 -1.77 -9.68 -6.89
CA THR A 44 -2.06 -11.09 -6.71
C THR A 44 -0.87 -11.64 -5.91
N MET A 45 -1.00 -12.85 -5.37
CA MET A 45 0.10 -13.49 -4.67
C MET A 45 1.28 -13.67 -5.61
N ASP A 46 1.03 -14.01 -6.90
CA ASP A 46 2.15 -14.14 -7.84
C ASP A 46 2.84 -12.80 -8.06
N GLN A 47 2.08 -11.70 -8.20
CA GLN A 47 2.72 -10.39 -8.38
C GLN A 47 3.52 -10.02 -7.15
N MET A 48 3.01 -10.34 -5.94
CA MET A 48 3.73 -10.02 -4.71
C MET A 48 4.99 -10.88 -4.62
N LYS A 49 4.91 -12.17 -5.03
CA LYS A 49 6.12 -13.03 -4.95
C LYS A 49 7.21 -12.48 -5.89
N LEU A 50 6.82 -12.00 -7.06
CA LEU A 50 7.82 -11.46 -7.99
C LEU A 50 8.42 -10.18 -7.41
N ALA A 51 7.59 -9.32 -6.79
CA ALA A 51 8.09 -8.09 -6.12
C ALA A 51 9.10 -8.46 -5.04
N LEU A 52 8.80 -9.46 -4.20
CA LEU A 52 9.72 -9.95 -3.16
CA LEU A 52 9.72 -9.90 -3.17
C LEU A 52 11.06 -10.34 -3.78
N SER A 53 11.00 -11.07 -4.90
CA SER A 53 12.22 -11.53 -5.54
C SER A 53 13.09 -10.38 -6.06
N LYS A 54 12.48 -9.22 -6.35
CA LYS A 54 13.18 -8.02 -6.81
C LYS A 54 13.70 -7.16 -5.64
N GLY A 55 13.37 -7.52 -4.40
CA GLY A 55 13.91 -6.79 -3.24
C GLY A 55 12.87 -6.16 -2.30
N PHE A 56 11.61 -6.48 -2.51
CA PHE A 56 10.54 -5.88 -1.71
C PHE A 56 10.36 -6.59 -0.39
N GLU A 57 10.47 -5.84 0.72
CA GLU A 57 10.09 -6.37 2.02
C GLU A 57 9.57 -5.25 2.86
N THR A 58 8.62 -5.55 3.74
CA THR A 58 8.13 -4.54 4.71
C THR A 58 8.04 -5.22 6.06
N CYS A 59 7.68 -4.47 7.10
CA CYS A 59 7.42 -5.06 8.39
C CYS A 59 5.96 -4.78 8.79
N ARG A 60 5.03 -4.73 7.79
CA ARG A 60 3.64 -4.36 8.06
C ARG A 60 2.68 -5.27 7.33
N TYR A 61 1.62 -5.68 8.01
CA TYR A 61 0.55 -6.42 7.37
C TYR A 61 -0.20 -5.55 6.38
N GLY A 62 -0.45 -6.07 5.17
CA GLY A 62 -1.26 -5.35 4.21
C GLY A 62 -2.03 -6.29 3.30
N PHE A 63 -3.14 -5.82 2.77
CA PHE A 63 -3.92 -6.64 1.86
C PHE A 63 -3.20 -6.85 0.56
N ILE A 64 -3.38 -8.02 0.02
CA ILE A 64 -3.18 -8.38 -1.37
C ILE A 64 -4.56 -8.99 -1.76
N GLU A 65 -4.70 -9.48 -3.00
CA GLU A 65 -5.91 -10.16 -3.38
C GLU A 65 -6.00 -11.48 -2.63
N GLY A 66 -7.02 -11.61 -1.80
CA GLY A 66 -7.29 -12.86 -1.10
C GLY A 66 -6.69 -13.05 0.25
N ASN A 67 -5.61 -12.33 0.58
CA ASN A 67 -4.97 -12.51 1.89
C ASN A 67 -4.40 -11.20 2.40
N VAL A 68 -3.94 -11.23 3.66
CA VAL A 68 -3.21 -10.17 4.31
C VAL A 68 -1.81 -10.73 4.54
N VAL A 69 -0.78 -10.01 4.05
CA VAL A 69 0.58 -10.57 4.06
C VAL A 69 1.65 -9.57 4.47
N ILE A 70 2.86 -10.09 4.75
CA ILE A 70 4.06 -9.31 4.91
C ILE A 70 5.10 -9.95 4.02
N PRO A 71 5.66 -9.23 3.02
CA PRO A 71 6.76 -9.79 2.26
C PRO A 71 8.04 -9.64 3.08
N ARG A 72 8.79 -10.77 3.27
CA ARG A 72 10.01 -10.71 4.04
C ARG A 72 11.17 -11.28 3.29
N ILE A 73 12.29 -10.57 3.28
CA ILE A 73 13.51 -11.11 2.71
C ILE A 73 14.42 -11.52 3.85
N HIS A 74 14.68 -10.61 4.81
CA HIS A 74 15.61 -10.90 5.90
C HIS A 74 14.87 -11.32 7.13
N PRO A 75 15.27 -12.42 7.78
CA PRO A 75 14.56 -12.83 9.00
C PRO A 75 14.73 -11.77 10.08
N ASN A 76 13.62 -11.35 10.64
CA ASN A 76 13.63 -10.36 11.73
C ASN A 76 12.59 -10.88 12.72
N ALA A 77 12.98 -11.08 14.00
CA ALA A 77 12.09 -11.65 15.01
C ALA A 77 10.79 -10.87 15.22
N ILE A 78 10.81 -9.56 14.99
CA ILE A 78 9.62 -8.74 15.18
C ILE A 78 8.87 -8.46 13.87
N CYS A 79 9.28 -9.09 12.74
CA CYS A 79 8.57 -8.90 11.48
C CYS A 79 8.16 -10.26 10.99
N ALA A 80 6.85 -10.58 11.07
CA ALA A 80 6.34 -11.88 10.63
C ALA A 80 7.01 -13.04 11.34
N ALA A 81 7.25 -12.88 12.65
CA ALA A 81 7.86 -13.93 13.46
C ALA A 81 9.11 -14.62 12.84
N ASN A 82 10.04 -13.83 12.30
CA ASN A 82 11.29 -14.31 11.74
C ASN A 82 11.18 -15.09 10.43
N HIS A 83 9.99 -15.09 9.82
CA HIS A 83 9.79 -15.81 8.56
C HIS A 83 10.34 -15.04 7.39
N THR A 84 10.61 -15.76 6.29
CA THR A 84 11.00 -15.14 5.03
C THR A 84 9.93 -15.55 4.00
N GLY A 85 9.97 -14.89 2.85
CA GLY A 85 9.00 -15.15 1.81
C GLY A 85 7.76 -14.32 2.04
N VAL A 86 6.70 -14.58 1.30
CA VAL A 86 5.45 -13.83 1.50
C VAL A 86 4.76 -14.47 2.69
N TYR A 87 4.86 -13.84 3.85
CA TYR A 87 4.22 -14.39 5.06
C TYR A 87 2.75 -14.07 5.01
N ILE A 88 1.91 -15.08 5.22
CA ILE A 88 0.48 -14.92 5.19
C ILE A 88 -0.07 -14.90 6.60
N LEU A 89 -0.85 -13.86 6.92
CA LEU A 89 -1.52 -13.78 8.22
C LEU A 89 -2.59 -14.83 8.26
N VAL A 90 -2.56 -15.69 9.29
CA VAL A 90 -3.52 -16.78 9.40
C VAL A 90 -4.61 -16.44 10.39
N THR A 91 -4.24 -15.98 11.61
CA THR A 91 -5.24 -15.77 12.62
C THR A 91 -5.18 -14.39 13.17
N SER A 92 -6.27 -13.69 13.03
CA SER A 92 -6.38 -12.36 13.60
C SER A 92 -7.82 -12.12 13.97
N ASN A 93 -8.06 -11.36 15.04
CA ASN A 93 -9.44 -11.01 15.39
C ASN A 93 -9.97 -9.87 14.51
N THR A 94 -9.06 -9.05 13.97
CA THR A 94 -9.34 -7.74 13.43
C THR A 94 -9.23 -7.61 11.93
N SER A 95 -9.84 -6.53 11.39
CA SER A 95 -10.03 -6.41 9.96
C SER A 95 -9.29 -5.31 9.26
N HIS A 96 -8.60 -4.43 9.99
CA HIS A 96 -7.94 -3.28 9.38
C HIS A 96 -6.45 -3.40 9.32
N TYR A 97 -5.89 -3.17 8.13
CA TYR A 97 -4.47 -3.35 7.95
C TYR A 97 -3.95 -2.20 7.08
N ASP A 98 -2.72 -2.31 6.55
CA ASP A 98 -2.27 -1.38 5.52
C ASP A 98 -2.71 -2.06 4.19
N THR A 99 -2.23 -1.56 3.04
CA THR A 99 -2.48 -2.28 1.82
C THR A 99 -1.28 -2.29 0.97
N TYR A 100 -1.25 -3.26 0.07
CA TYR A 100 -0.29 -3.26 -1.03
C TYR A 100 -1.09 -2.92 -2.26
N CYS A 101 -0.40 -2.32 -3.23
CA CYS A 101 -1.03 -1.98 -4.51
C CYS A 101 -0.06 -2.43 -5.61
N PHE A 102 -0.59 -2.62 -6.82
CA PHE A 102 0.18 -3.05 -7.97
C PHE A 102 -0.15 -2.14 -9.12
N ASN A 103 0.86 -1.46 -9.66
CA ASN A 103 0.71 -0.61 -10.81
C ASN A 103 1.44 -1.27 -11.97
N ALA A 104 0.68 -1.78 -12.94
CA ALA A 104 1.25 -2.50 -14.07
C ALA A 104 2.16 -1.68 -14.93
N SER A 105 2.06 -0.34 -14.89
CA SER A 105 2.88 0.56 -15.71
CA SER A 105 2.92 0.49 -15.75
C SER A 105 4.19 0.96 -15.04
N ALA A 106 4.43 0.50 -13.82
CA ALA A 106 5.64 0.84 -13.09
C ALA A 106 6.81 0.07 -13.74
N PRO A 107 8.04 0.44 -13.41
CA PRO A 107 9.20 -0.29 -13.93
C PRO A 107 9.25 -1.75 -13.45
N PRO A 108 9.90 -2.63 -14.22
CA PRO A 108 9.87 -4.07 -13.90
C PRO A 108 10.60 -4.50 -12.63
N GLU A 109 11.59 -3.72 -12.16
CA GLU A 109 12.36 -4.15 -11.03
C GLU A 109 12.22 -3.13 -9.90
N GLU A 110 13.30 -2.73 -9.24
CA GLU A 110 13.20 -1.79 -8.14
C GLU A 110 13.02 -0.39 -8.67
N ASP A 111 11.99 0.29 -8.22
CA ASP A 111 11.77 1.69 -8.56
C ASP A 111 11.65 2.46 -7.27
N CYS A 112 12.76 3.05 -6.85
CA CYS A 112 12.78 3.82 -5.61
C CYS A 112 12.76 5.32 -5.87
N THR A 113 12.17 5.74 -6.98
CA THR A 113 11.85 7.15 -7.15
C THR A 113 10.60 7.40 -6.28
N SER A 114 10.32 8.66 -6.00
CA SER A 114 9.18 9.02 -5.20
C SER A 114 7.88 9.04 -6.02
N VAL A 115 6.77 8.88 -5.31
CA VAL A 115 5.45 8.96 -5.92
C VAL A 115 5.07 10.45 -5.86
N THR A 116 4.70 11.02 -7.00
CA THR A 116 4.43 12.46 -7.09
C THR A 116 3.02 12.76 -7.61
N ASP A 117 2.09 11.80 -7.53
CA ASP A 117 0.74 12.01 -8.04
C ASP A 117 -0.20 10.99 -7.40
N LEU A 118 -1.50 11.27 -7.43
CA LEU A 118 -2.56 10.34 -7.00
C LEU A 118 -3.47 10.49 -8.21
N PRO A 119 -3.15 9.80 -9.31
CA PRO A 119 -3.75 10.12 -10.59
C PRO A 119 -5.21 9.87 -10.79
N ASN A 120 -5.76 8.94 -10.02
CA ASN A 120 -7.13 8.54 -10.23
C ASN A 120 -8.03 8.74 -9.05
N SER A 121 -7.70 9.72 -8.18
CA SER A 121 -8.61 10.06 -7.10
C SER A 121 -9.75 10.87 -7.78
N PHE A 122 -10.88 10.94 -7.11
CA PHE A 122 -12.00 11.66 -7.66
C PHE A 122 -12.29 12.93 -6.87
N ASP A 123 -13.23 13.76 -7.33
CA ASP A 123 -13.57 15.00 -6.63
C ASP A 123 -14.03 14.68 -5.21
N GLY A 124 -13.61 15.50 -4.29
CA GLY A 124 -14.02 15.33 -2.90
C GLY A 124 -13.41 16.38 -2.02
N PRO A 125 -13.70 16.32 -0.74
CA PRO A 125 -13.24 17.38 0.16
C PRO A 125 -11.99 17.09 0.99
N VAL A 126 -11.40 15.93 0.83
CA VAL A 126 -10.27 15.53 1.68
C VAL A 126 -8.95 16.02 1.15
N THR A 127 -8.05 16.50 2.04
CA THR A 127 -6.70 16.84 1.60
C THR A 127 -5.91 15.55 1.77
N ILE A 128 -5.57 14.92 0.66
CA ILE A 128 -4.87 13.67 0.71
C ILE A 128 -3.41 13.95 0.45
N THR A 129 -2.52 13.51 1.34
CA THR A 129 -1.11 13.78 1.14
C THR A 129 -0.38 12.49 1.00
N ILE A 130 0.33 12.35 -0.08
CA ILE A 130 1.18 11.20 -0.30
CA ILE A 130 1.18 11.21 -0.36
C ILE A 130 2.49 11.56 0.29
N VAL A 131 2.97 10.72 1.19
CA VAL A 131 4.21 10.91 1.89
C VAL A 131 5.18 9.82 1.48
N ASN A 132 6.28 10.21 0.88
CA ASN A 132 7.32 9.26 0.50
C ASN A 132 8.25 8.97 1.65
N ARG A 133 9.04 7.89 1.56
CA ARG A 133 9.97 7.54 2.63
CA ARG A 133 9.97 7.54 2.64
C ARG A 133 11.04 8.61 2.81
N ASP A 134 11.40 9.32 1.72
CA ASP A 134 12.35 10.41 1.83
C ASP A 134 11.72 11.73 2.28
N GLY A 135 10.48 11.69 2.69
CA GLY A 135 9.77 12.83 3.24
C GLY A 135 9.11 13.70 2.20
N THR A 136 9.44 13.52 0.90
CA THR A 136 8.80 14.38 -0.10
C THR A 136 7.32 14.14 -0.15
N ARG A 137 6.53 15.18 -0.37
CA ARG A 137 5.08 15.06 -0.32
CA ARG A 137 5.09 15.05 -0.33
C ARG A 137 4.39 15.60 -1.56
N TYR A 138 3.23 15.03 -1.86
CA TYR A 138 2.37 15.48 -2.93
C TYR A 138 0.97 15.53 -2.29
N SER A 139 0.28 16.66 -2.40
CA SER A 139 -1.07 16.76 -1.84
C SER A 139 -2.06 17.15 -2.86
N LYS A 140 -3.28 16.66 -2.69
CA LYS A 140 -4.36 17.02 -3.59
CA LYS A 140 -4.37 16.91 -3.63
C LYS A 140 -5.68 16.86 -2.85
N LYS A 141 -6.64 17.74 -3.17
CA LYS A 141 -7.96 17.67 -2.56
C LYS A 141 -8.77 16.66 -3.37
N GLY A 142 -9.44 15.73 -2.70
CA GLY A 142 -10.24 14.76 -3.39
C GLY A 142 -10.80 13.73 -2.48
N GLU A 143 -11.08 12.57 -3.05
CA GLU A 143 -11.62 11.43 -2.31
C GLU A 143 -11.29 10.20 -3.14
N TYR A 144 -11.18 9.05 -2.49
CA TYR A 144 -11.01 7.79 -3.18
C TYR A 144 -11.97 6.70 -2.65
N ARG A 145 -12.58 6.92 -1.49
CA ARG A 145 -13.47 5.95 -0.86
C ARG A 145 -14.84 5.94 -1.46
N THR A 146 -15.23 4.78 -2.02
CA THR A 146 -16.54 4.59 -2.63
C THR A 146 -17.54 3.93 -1.69
N HIS A 147 -17.10 3.42 -0.54
CA HIS A 147 -18.01 2.78 0.40
C HIS A 147 -18.20 3.69 1.60
N GLN A 148 -19.45 4.12 1.87
CA GLN A 148 -19.75 5.01 2.98
C GLN A 148 -19.28 4.49 4.33
N GLU A 149 -19.31 3.16 4.57
CA GLU A 149 -18.85 2.60 5.85
C GLU A 149 -17.35 2.80 6.09
N ASP A 150 -16.57 3.06 5.02
CA ASP A 150 -15.16 3.37 5.17
C ASP A 150 -14.90 4.86 5.49
N ILE A 151 -15.91 5.72 5.39
CA ILE A 151 -15.75 7.15 5.64
C ILE A 151 -16.16 7.55 7.05
C01 8BC B . 4.10 4.75 -14.16
C02 8BC B . 4.09 4.69 -12.64
O03 8BC B . 5.12 4.48 -12.05
N04 8BC B . 2.82 4.93 -12.00
C05 8BC B . 2.57 4.95 -10.57
C06 8BC B . 3.04 3.96 -9.72
C07 8BC B . 2.72 4.00 -8.36
C08 8BC B . 1.95 5.05 -7.88
C09 8BC B . 1.49 6.04 -8.73
F10 8BC B . 0.75 7.09 -8.28
C11 8BC B . 1.77 5.98 -10.08
C12 8BC B . 1.26 7.09 -11.00
O13 8BC B . 1.40 8.30 -10.68
O14 8BC B . 0.71 6.82 -12.10
S DMS C . 10.90 7.67 -2.17
O DMS C . 11.20 7.88 -0.71
C1 DMS C . 12.30 8.35 -3.00
C2 DMS C . 11.10 5.91 -2.56
S DMS D . 9.13 -19.33 5.64
O DMS D . 9.97 -18.55 6.64
C1 DMS D . 9.16 -20.98 6.32
C2 DMS D . 10.21 -19.63 4.28
S DMS E . -3.57 20.67 -3.01
O DMS E . -3.88 20.12 -1.67
C1 DMS E . -1.90 21.25 -2.89
C2 DMS E . -4.39 22.24 -3.05
C1 EDO F . -2.51 -1.89 -12.36
O1 EDO F . -2.30 -0.71 -13.16
C2 EDO F . -3.63 -2.78 -12.94
O2 EDO F . -3.51 -4.10 -12.40
C1 EDO G . 5.32 8.78 -9.91
O1 EDO G . 4.16 9.15 -9.16
C2 EDO G . 5.73 7.32 -9.57
O2 EDO G . 6.35 6.74 -10.72
#